data_1T54
#
_entry.id   1T54
#
_entity_poly.entity_id   1
_entity_poly.type   'polypeptide(L)'
_entity_poly.pdbx_seq_one_letter_code
;ILGKIAEGIKSLF(NH2)
;
_entity_poly.pdbx_strand_id   A
#
# COMPACT_ATOMS: atom_id res chain seq x y z
N ILE A 1 6.69 -1.97 4.83
CA ILE A 1 6.40 -2.44 6.21
C ILE A 1 5.77 -3.84 6.17
N LEU A 2 5.91 -4.60 7.22
CA LEU A 2 5.32 -5.96 7.24
C LEU A 2 3.82 -5.90 6.98
N GLY A 3 3.40 -6.09 5.76
CA GLY A 3 1.95 -6.03 5.44
C GLY A 3 1.76 -5.80 3.94
N LYS A 4 2.71 -5.18 3.30
CA LYS A 4 2.58 -4.92 1.83
C LYS A 4 1.26 -4.20 1.54
N ILE A 5 0.72 -3.53 2.52
CA ILE A 5 -0.57 -2.80 2.29
C ILE A 5 -0.34 -1.58 1.40
N ALA A 6 0.80 -0.96 1.51
CA ALA A 6 1.08 0.24 0.68
C ALA A 6 1.87 -0.17 -0.58
N GLU A 7 1.90 -1.44 -0.88
CA GLU A 7 2.66 -1.88 -2.09
C GLU A 7 2.07 -1.24 -3.35
N GLY A 8 0.82 -0.85 -3.30
CA GLY A 8 0.19 -0.22 -4.50
C GLY A 8 -1.20 0.30 -4.13
N ILE A 9 -1.31 1.54 -3.74
CA ILE A 9 -2.65 2.10 -3.38
C ILE A 9 -2.65 3.62 -3.50
N LYS A 10 -1.56 4.25 -3.18
CA LYS A 10 -1.50 5.73 -3.27
C LYS A 10 -1.77 6.19 -4.71
N SER A 11 -1.24 5.47 -5.67
CA SER A 11 -1.47 5.86 -7.10
C SER A 11 -2.94 5.65 -7.48
N LEU A 12 -3.65 4.86 -6.72
CA LEU A 12 -5.09 4.60 -7.04
C LEU A 12 -5.98 5.54 -6.22
N PHE A 13 -5.45 6.11 -5.17
CA PHE A 13 -6.28 7.03 -4.33
C PHE A 13 -5.65 8.42 -4.31
N ILE A 1 8.77 -5.47 4.95
CA ILE A 1 7.48 -5.63 5.68
C ILE A 1 7.13 -4.36 6.44
N LEU A 2 5.87 -4.14 6.71
CA LEU A 2 5.46 -2.92 7.45
C LEU A 2 5.84 -1.67 6.64
N GLY A 3 4.97 -1.22 5.78
CA GLY A 3 5.29 -0.02 4.96
C GLY A 3 4.47 -0.04 3.67
N LYS A 4 3.99 -1.19 3.28
CA LYS A 4 3.19 -1.28 2.02
C LYS A 4 1.78 -1.81 2.33
N ILE A 5 1.29 -1.55 3.52
CA ILE A 5 -0.08 -2.04 3.87
C ILE A 5 -1.14 -1.27 3.08
N ALA A 6 -1.04 0.02 3.06
CA ALA A 6 -2.04 0.83 2.31
C ALA A 6 -1.46 2.20 1.96
N GLU A 7 -0.16 2.33 1.97
CA GLU A 7 0.47 3.64 1.64
C GLU A 7 -0.22 4.26 0.43
N GLY A 8 -0.03 3.69 -0.73
CA GLY A 8 -0.67 4.25 -1.96
C GLY A 8 -0.89 3.13 -2.97
N ILE A 9 -2.01 2.46 -2.89
CA ILE A 9 -2.29 1.35 -3.85
C ILE A 9 -3.75 1.40 -4.31
N LYS A 10 -4.63 1.75 -3.42
CA LYS A 10 -6.08 1.82 -3.80
C LYS A 10 -6.32 3.02 -4.72
N SER A 11 -5.51 4.04 -4.61
CA SER A 11 -5.71 5.24 -5.48
C SER A 11 -5.09 4.98 -6.86
N LEU A 12 -4.16 4.07 -6.95
CA LEU A 12 -3.53 3.78 -8.27
C LEU A 12 -4.19 2.56 -8.92
N PHE A 13 -3.57 1.99 -9.91
CA PHE A 13 -4.16 0.79 -10.58
C PHE A 13 -5.62 1.07 -10.95
N ILE A 1 8.92 -1.28 10.27
CA ILE A 1 8.48 -2.61 9.76
C ILE A 1 7.73 -2.45 8.43
N LEU A 2 7.48 -3.53 7.75
CA LEU A 2 6.76 -3.44 6.45
C LEU A 2 5.35 -2.88 6.67
N GLY A 3 4.60 -2.71 5.61
CA GLY A 3 3.22 -2.16 5.76
C GLY A 3 2.76 -1.57 4.44
N LYS A 4 2.43 -2.41 3.49
CA LYS A 4 1.97 -1.89 2.16
C LYS A 4 0.53 -2.32 1.90
N ILE A 5 -0.20 -2.67 2.93
CA ILE A 5 -1.62 -3.10 2.73
C ILE A 5 -2.41 -1.99 2.04
N ALA A 6 -2.21 -0.76 2.44
CA ALA A 6 -2.95 0.36 1.81
C ALA A 6 -2.17 0.90 0.60
N GLU A 7 -0.89 0.69 0.57
CA GLU A 7 -0.07 1.18 -0.57
C GLU A 7 -0.41 0.39 -1.84
N GLY A 8 -1.04 -0.73 -1.69
CA GLY A 8 -1.41 -1.55 -2.89
C GLY A 8 -2.63 -0.94 -3.57
N ILE A 9 -3.13 0.15 -3.06
CA ILE A 9 -4.33 0.79 -3.68
C ILE A 9 -4.21 2.31 -3.60
N LYS A 10 -3.83 2.83 -2.47
CA LYS A 10 -3.70 4.31 -2.32
C LYS A 10 -2.70 4.84 -3.36
N SER A 11 -1.77 4.03 -3.77
CA SER A 11 -0.77 4.50 -4.78
C SER A 11 -1.32 4.30 -6.19
N LEU A 12 -2.51 3.79 -6.32
CA LEU A 12 -3.10 3.56 -7.66
C LEU A 12 -2.13 2.77 -8.54
N PHE A 13 -1.72 1.62 -8.09
CA PHE A 13 -0.77 0.79 -8.89
C PHE A 13 0.54 1.55 -9.11
N ILE A 1 6.98 -1.47 2.90
CA ILE A 1 7.18 -2.94 2.85
C ILE A 1 6.86 -3.57 4.21
N LEU A 2 5.77 -4.28 4.30
CA LEU A 2 5.40 -4.91 5.61
C LEU A 2 5.08 -3.82 6.64
N GLY A 3 4.33 -2.83 6.26
CA GLY A 3 3.98 -1.74 7.22
C GLY A 3 2.70 -1.05 6.78
N LYS A 4 1.66 -1.81 6.57
CA LYS A 4 0.35 -1.21 6.13
C LYS A 4 0.60 -0.08 5.13
N ILE A 5 1.66 -0.16 4.37
CA ILE A 5 1.96 0.91 3.38
C ILE A 5 1.20 0.64 2.08
N ALA A 6 1.05 -0.61 1.72
CA ALA A 6 0.34 -0.94 0.46
C ALA A 6 -1.16 -1.14 0.74
N GLU A 7 -1.60 -0.82 1.93
CA GLU A 7 -3.04 -0.98 2.27
C GLU A 7 -3.91 -0.25 1.24
N GLY A 8 -3.33 0.66 0.50
CA GLY A 8 -4.13 1.41 -0.51
C GLY A 8 -3.35 1.50 -1.82
N ILE A 9 -3.38 0.46 -2.60
CA ILE A 9 -2.63 0.47 -3.89
C ILE A 9 -3.60 0.31 -5.06
N LYS A 10 -4.63 -0.45 -4.88
CA LYS A 10 -5.63 -0.66 -5.97
C LYS A 10 -6.00 0.68 -6.61
N SER A 11 -6.00 1.74 -5.84
CA SER A 11 -6.36 3.07 -6.40
C SER A 11 -5.11 3.79 -6.91
N LEU A 12 -3.97 3.51 -6.33
CA LEU A 12 -2.72 4.18 -6.78
C LEU A 12 -1.53 3.71 -5.96
N PHE A 13 -0.63 4.59 -5.63
CA PHE A 13 0.56 4.19 -4.81
C PHE A 13 0.66 5.05 -3.56
N ILE A 1 -0.65 5.08 -8.38
CA ILE A 1 -1.95 4.50 -8.84
C ILE A 1 -2.38 3.35 -7.92
N LEU A 2 -1.45 2.72 -7.26
CA LEU A 2 -1.80 1.60 -6.34
C LEU A 2 -0.81 1.54 -5.17
N GLY A 3 -1.30 1.57 -3.97
CA GLY A 3 -0.38 1.52 -2.79
C GLY A 3 -0.86 2.50 -1.72
N LYS A 4 -2.14 2.53 -1.46
CA LYS A 4 -2.66 3.46 -0.43
C LYS A 4 -3.74 2.79 0.41
N ILE A 5 -3.81 1.48 0.37
CA ILE A 5 -4.84 0.76 1.15
C ILE A 5 -4.89 1.30 2.58
N ALA A 6 -3.85 1.07 3.34
CA ALA A 6 -3.82 1.56 4.74
C ALA A 6 -2.52 2.35 5.01
N GLU A 7 -1.65 2.41 4.04
CA GLU A 7 -0.37 3.15 4.24
C GLU A 7 0.49 3.07 2.97
N GLY A 8 0.51 1.94 2.33
CA GLY A 8 1.32 1.80 1.09
C GLY A 8 2.48 0.83 1.34
N ILE A 9 2.39 0.03 2.37
CA ILE A 9 3.49 -0.93 2.65
C ILE A 9 2.95 -2.15 3.41
N LYS A 10 2.03 -1.92 4.32
CA LYS A 10 1.46 -3.05 5.10
C LYS A 10 1.15 -4.24 4.17
N SER A 11 0.11 -4.13 3.38
CA SER A 11 -0.25 -5.24 2.46
C SER A 11 0.84 -5.42 1.40
N LEU A 12 1.61 -4.40 1.15
CA LEU A 12 2.69 -4.51 0.12
C LEU A 12 3.73 -5.53 0.56
N PHE A 13 4.55 -5.17 1.52
CA PHE A 13 5.60 -6.13 1.99
C PHE A 13 5.12 -6.84 3.26
N ILE A 1 9.83 -4.30 6.09
CA ILE A 1 8.67 -5.10 6.58
C ILE A 1 7.44 -4.19 6.74
N LEU A 2 6.28 -4.70 6.42
CA LEU A 2 5.04 -3.88 6.55
C LEU A 2 5.29 -2.48 6.00
N GLY A 3 4.53 -1.51 6.45
CA GLY A 3 4.72 -0.12 5.95
C GLY A 3 3.79 0.13 4.77
N LYS A 4 2.69 -0.56 4.70
CA LYS A 4 1.76 -0.36 3.55
C LYS A 4 2.50 -0.54 2.22
N ILE A 5 2.51 -1.74 1.70
CA ILE A 5 3.22 -1.97 0.41
C ILE A 5 2.35 -1.49 -0.76
N ALA A 6 1.10 -1.81 -0.74
CA ALA A 6 0.20 -1.37 -1.85
C ALA A 6 -1.00 -0.57 -1.30
N GLU A 7 -1.25 -0.68 -0.02
CA GLU A 7 -2.39 0.07 0.57
C GLU A 7 -2.25 1.58 0.29
N GLY A 8 -1.07 2.00 -0.09
CA GLY A 8 -0.86 3.45 -0.39
C GLY A 8 -1.69 3.85 -1.59
N ILE A 9 -1.33 3.37 -2.75
CA ILE A 9 -2.10 3.73 -3.98
C ILE A 9 -1.86 2.70 -5.09
N LYS A 10 -0.65 2.19 -5.17
CA LYS A 10 -0.35 1.17 -6.23
C LYS A 10 -1.50 0.16 -6.34
N SER A 11 -1.79 -0.55 -5.28
CA SER A 11 -2.91 -1.54 -5.34
C SER A 11 -4.18 -0.87 -5.86
N LEU A 12 -4.61 0.17 -5.21
CA LEU A 12 -5.85 0.88 -5.66
C LEU A 12 -6.23 1.97 -4.66
N PHE A 13 -6.76 1.58 -3.53
CA PHE A 13 -7.15 2.58 -2.50
C PHE A 13 -7.11 1.96 -1.10
N ILE A 1 -6.95 5.07 -3.13
CA ILE A 1 -6.55 5.08 -4.57
C ILE A 1 -6.63 3.67 -5.15
N LEU A 2 -6.26 3.51 -6.39
CA LEU A 2 -6.31 2.15 -7.02
C LEU A 2 -5.09 1.94 -7.92
N GLY A 3 -3.93 1.77 -7.34
CA GLY A 3 -2.71 1.56 -8.18
C GLY A 3 -1.56 1.09 -7.28
N LYS A 4 -1.49 1.61 -6.08
CA LYS A 4 -0.38 1.20 -5.16
C LYS A 4 -0.63 1.76 -3.76
N ILE A 5 -1.48 1.13 -3.00
CA ILE A 5 -1.76 1.62 -1.62
C ILE A 5 -0.51 1.52 -0.77
N ALA A 6 0.12 0.38 -0.75
CA ALA A 6 1.35 0.21 0.07
C ALA A 6 2.21 -0.92 -0.50
N GLU A 7 1.98 -1.31 -1.73
CA GLU A 7 2.78 -2.41 -2.34
C GLU A 7 2.40 -3.75 -1.73
N GLY A 8 2.44 -3.86 -0.44
CA GLY A 8 2.07 -5.14 0.23
C GLY A 8 1.71 -4.87 1.69
N ILE A 9 2.66 -5.02 2.58
CA ILE A 9 2.36 -4.78 4.02
C ILE A 9 3.43 -3.87 4.63
N LYS A 10 4.65 -4.01 4.19
CA LYS A 10 5.74 -3.16 4.74
C LYS A 10 5.27 -1.71 4.90
N SER A 11 4.93 -1.08 3.81
CA SER A 11 4.45 0.33 3.91
C SER A 11 3.06 0.39 4.55
N LEU A 12 2.44 -0.74 4.74
CA LEU A 12 1.09 -0.75 5.36
C LEU A 12 0.20 0.32 4.74
N PHE A 13 -0.97 0.54 5.28
CA PHE A 13 -1.87 1.58 4.70
C PHE A 13 -1.35 2.98 5.04
N ILE A 1 6.23 -4.51 9.74
CA ILE A 1 5.13 -3.58 9.38
C ILE A 1 4.50 -4.00 8.06
N LEU A 2 4.37 -5.29 7.83
CA LEU A 2 3.76 -5.77 6.56
C LEU A 2 2.24 -5.61 6.60
N GLY A 3 1.61 -5.50 5.47
CA GLY A 3 0.13 -5.35 5.45
C GLY A 3 -0.24 -4.00 4.82
N LYS A 4 0.74 -3.16 4.58
CA LYS A 4 0.45 -1.84 3.96
C LYS A 4 1.73 -1.22 3.39
N ILE A 5 2.45 -1.97 2.59
CA ILE A 5 3.70 -1.43 2.01
C ILE A 5 3.39 -0.54 0.81
N ALA A 6 2.34 -0.85 0.10
CA ALA A 6 1.97 -0.02 -1.09
C ALA A 6 0.49 0.35 -1.03
N GLU A 7 -0.15 0.14 0.09
CA GLU A 7 -1.59 0.48 0.21
C GLU A 7 -1.81 1.98 -0.04
N GLY A 8 -0.77 2.77 0.11
CA GLY A 8 -0.93 4.23 -0.11
C GLY A 8 -1.68 4.47 -1.42
N ILE A 9 -0.98 4.54 -2.51
CA ILE A 9 -1.66 4.78 -3.83
C ILE A 9 -1.25 3.71 -4.83
N LYS A 10 -0.05 3.21 -4.74
CA LYS A 10 0.42 2.17 -5.69
C LYS A 10 -0.69 1.13 -5.91
N SER A 11 -1.14 0.49 -4.86
CA SER A 11 -2.22 -0.52 -5.02
C SER A 11 -3.51 0.17 -5.50
N LEU A 12 -3.59 1.46 -5.34
CA LEU A 12 -4.81 2.19 -5.80
C LEU A 12 -6.06 1.60 -5.13
N PHE A 13 -6.66 0.64 -5.75
CA PHE A 13 -7.89 0.04 -5.16
C PHE A 13 -7.82 -1.50 -5.22
N ILE A 1 6.13 -7.51 -1.45
CA ILE A 1 5.06 -8.40 -0.91
C ILE A 1 4.87 -8.16 0.59
N LEU A 2 5.92 -7.83 1.29
CA LEU A 2 5.79 -7.58 2.74
C LEU A 2 6.26 -6.15 3.09
N GLY A 3 5.34 -5.23 3.17
CA GLY A 3 5.73 -3.83 3.49
C GLY A 3 4.48 -3.03 3.87
N LYS A 4 3.65 -2.73 2.91
CA LYS A 4 2.41 -1.95 3.21
C LYS A 4 2.78 -0.57 3.77
N ILE A 5 3.62 0.15 3.08
CA ILE A 5 4.02 1.50 3.57
C ILE A 5 3.08 2.56 2.98
N ALA A 6 2.89 2.55 1.69
CA ALA A 6 2.00 3.57 1.06
C ALA A 6 0.97 2.87 0.17
N GLU A 7 1.08 1.57 0.02
CA GLU A 7 0.10 0.84 -0.83
C GLU A 7 -1.29 0.84 -0.17
N GLY A 8 -1.35 1.19 1.08
CA GLY A 8 -2.67 1.21 1.78
C GLY A 8 -3.73 1.84 0.86
N ILE A 9 -3.53 3.07 0.49
CA ILE A 9 -4.52 3.74 -0.40
C ILE A 9 -3.80 4.65 -1.40
N LYS A 10 -2.75 5.29 -0.98
CA LYS A 10 -2.00 6.20 -1.90
C LYS A 10 -1.81 5.51 -3.26
N SER A 11 -0.95 4.55 -3.33
CA SER A 11 -0.71 3.84 -4.63
C SER A 11 -2.00 3.17 -5.10
N LEU A 12 -2.89 2.87 -4.19
CA LEU A 12 -4.17 2.21 -4.58
C LEU A 12 -5.19 3.26 -5.01
N PHE A 13 -6.24 2.84 -5.69
CA PHE A 13 -7.28 3.81 -6.12
C PHE A 13 -6.64 4.92 -6.97
N ILE A 1 8.73 -3.53 -5.14
CA ILE A 1 7.95 -2.38 -4.58
C ILE A 1 7.30 -2.78 -3.26
N LEU A 2 7.89 -3.69 -2.54
CA LEU A 2 7.29 -4.13 -1.25
C LEU A 2 7.32 -2.98 -0.24
N GLY A 3 6.53 -1.96 -0.47
CA GLY A 3 6.51 -0.80 0.48
C GLY A 3 5.41 -1.01 1.51
N LYS A 4 4.20 -1.21 1.05
CA LYS A 4 3.06 -1.41 2.00
C LYS A 4 2.97 -0.23 2.96
N ILE A 5 2.76 0.95 2.45
CA ILE A 5 2.63 2.15 3.34
C ILE A 5 1.67 1.84 4.50
N ALA A 6 0.44 1.59 4.18
CA ALA A 6 -0.56 1.29 5.25
C ALA A 6 -1.01 -0.18 5.15
N GLU A 7 -0.94 -0.75 3.98
CA GLU A 7 -1.36 -2.17 3.82
C GLU A 7 -1.25 -2.58 2.34
N GLY A 8 -2.19 -2.14 1.54
CA GLY A 8 -2.15 -2.50 0.10
C GLY A 8 -3.21 -1.69 -0.67
N ILE A 9 -4.32 -1.43 -0.05
CA ILE A 9 -5.39 -0.65 -0.74
C ILE A 9 -5.76 0.60 0.09
N LYS A 10 -5.49 0.56 1.36
CA LYS A 10 -5.83 1.73 2.22
C LYS A 10 -5.04 2.97 1.76
N SER A 11 -3.74 2.94 1.90
CA SER A 11 -2.92 4.10 1.47
C SER A 11 -2.64 4.04 -0.04
N LEU A 12 -3.34 3.20 -0.75
CA LEU A 12 -3.11 3.09 -2.21
C LEU A 12 -1.71 2.54 -2.49
N PHE A 13 -1.30 2.53 -3.73
CA PHE A 13 0.05 2.01 -4.07
C PHE A 13 0.76 2.95 -5.05
N ILE A 1 -5.43 0.58 -10.17
CA ILE A 1 -4.80 1.92 -10.34
C ILE A 1 -4.78 2.67 -9.01
N LEU A 2 -3.88 2.34 -8.13
CA LEU A 2 -3.82 3.03 -6.82
C LEU A 2 -5.14 2.84 -6.06
N GLY A 3 -5.15 1.97 -5.08
CA GLY A 3 -6.40 1.74 -4.30
C GLY A 3 -6.06 1.57 -2.82
N LYS A 4 -4.85 1.89 -2.44
CA LYS A 4 -4.46 1.75 -1.01
C LYS A 4 -4.45 0.27 -0.62
N ILE A 5 -4.60 -0.61 -1.56
CA ILE A 5 -4.60 -2.07 -1.24
C ILE A 5 -3.18 -2.57 -1.03
N ALA A 6 -2.24 -2.01 -1.73
CA ALA A 6 -0.82 -2.45 -1.57
C ALA A 6 -0.18 -1.74 -0.37
N GLU A 7 -0.93 -0.91 0.30
CA GLU A 7 -0.37 -0.19 1.49
C GLU A 7 0.02 -1.20 2.58
N GLY A 8 -0.53 -2.38 2.52
CA GLY A 8 -0.21 -3.40 3.56
C GLY A 8 1.31 -3.65 3.58
N ILE A 9 2.00 -3.24 2.56
CA ILE A 9 3.48 -3.46 2.51
C ILE A 9 4.21 -2.12 2.42
N LYS A 10 3.66 -1.18 1.71
CA LYS A 10 4.32 0.15 1.57
C LYS A 10 4.87 0.61 2.93
N SER A 11 4.12 0.43 3.97
CA SER A 11 4.59 0.85 5.32
C SER A 11 5.36 -0.29 5.99
N LEU A 12 5.23 -1.49 5.48
CA LEU A 12 5.95 -2.64 6.10
C LEU A 12 5.48 -2.84 7.54
N PHE A 13 4.24 -2.51 7.83
CA PHE A 13 3.71 -2.68 9.22
C PHE A 13 4.79 -2.35 10.26
N ILE A 1 -5.15 0.15 -8.43
CA ILE A 1 -5.03 1.62 -8.65
C ILE A 1 -4.91 2.34 -7.30
N LEU A 2 -3.98 1.94 -6.48
CA LEU A 2 -3.81 2.61 -5.15
C LEU A 2 -5.16 2.78 -4.48
N GLY A 3 -5.73 1.71 -3.96
CA GLY A 3 -7.04 1.81 -3.28
C GLY A 3 -7.04 0.96 -2.02
N LYS A 4 -6.01 1.06 -1.23
CA LYS A 4 -5.94 0.25 0.03
C LYS A 4 -5.80 -1.24 -0.31
N ILE A 5 -4.72 -1.61 -0.96
CA ILE A 5 -4.54 -3.04 -1.31
C ILE A 5 -3.51 -3.69 -0.38
N ALA A 6 -2.54 -2.93 0.05
CA ALA A 6 -1.50 -3.50 0.97
C ALA A 6 -0.78 -2.38 1.71
N GLU A 7 -1.38 -1.22 1.79
CA GLU A 7 -0.74 -0.08 2.51
C GLU A 7 -0.11 -0.56 3.83
N GLY A 8 -0.67 -1.59 4.40
CA GLY A 8 -0.11 -2.11 5.68
C GLY A 8 1.41 -2.21 5.58
N ILE A 9 1.93 -2.36 4.40
CA ILE A 9 3.41 -2.47 4.23
C ILE A 9 3.85 -1.86 2.91
N LYS A 10 3.06 -1.99 1.88
CA LYS A 10 3.45 -1.41 0.56
C LYS A 10 3.90 0.04 0.73
N SER A 11 3.27 0.78 1.61
CA SER A 11 3.68 2.20 1.81
C SER A 11 5.17 2.29 2.13
N LEU A 12 5.73 1.25 2.71
CA LEU A 12 7.18 1.27 3.03
C LEU A 12 7.83 -0.04 2.61
N PHE A 13 9.12 -0.16 2.80
CA PHE A 13 9.82 -1.43 2.41
C PHE A 13 9.61 -1.71 0.92
N ILE A 1 -1.02 -0.33 -9.60
CA ILE A 1 -0.03 -0.18 -8.49
C ILE A 1 -0.19 1.18 -7.82
N LEU A 2 -1.05 2.02 -8.33
CA LEU A 2 -1.25 3.35 -7.71
C LEU A 2 -2.67 3.48 -7.17
N GLY A 3 -3.03 2.65 -6.22
CA GLY A 3 -4.40 2.71 -5.64
C GLY A 3 -4.36 2.25 -4.18
N LYS A 4 -3.21 2.29 -3.57
CA LYS A 4 -3.11 1.86 -2.14
C LYS A 4 -1.99 2.63 -1.43
N ILE A 5 -2.26 3.84 -1.04
CA ILE A 5 -1.21 4.64 -0.35
C ILE A 5 -0.90 4.04 1.03
N ALA A 6 -1.87 3.44 1.64
CA ALA A 6 -1.65 2.83 2.99
C ALA A 6 -2.86 1.99 3.41
N GLU A 7 -3.56 1.46 2.45
CA GLU A 7 -4.77 0.63 2.77
C GLU A 7 -4.51 -0.24 4.01
N GLY A 8 -3.74 -1.27 3.86
CA GLY A 8 -3.44 -2.15 5.03
C GLY A 8 -2.30 -3.10 4.68
N ILE A 9 -1.36 -2.64 3.92
CA ILE A 9 -0.21 -3.51 3.55
C ILE A 9 0.98 -2.67 3.07
N LYS A 10 0.71 -1.60 2.37
CA LYS A 10 1.83 -0.74 1.88
C LYS A 10 2.56 -0.09 3.07
N SER A 11 1.89 0.04 4.18
CA SER A 11 2.56 0.66 5.37
C SER A 11 3.24 -0.42 6.21
N LEU A 12 2.95 -1.67 5.95
CA LEU A 12 3.60 -2.76 6.74
C LEU A 12 5.07 -2.87 6.39
N PHE A 13 5.69 -3.96 6.76
CA PHE A 13 7.15 -4.13 6.44
C PHE A 13 7.97 -3.04 7.12
N ILE A 1 3.34 -1.05 8.68
CA ILE A 1 4.24 -2.23 8.67
C ILE A 1 3.42 -3.52 8.45
N LEU A 2 2.21 -3.39 8.00
CA LEU A 2 1.36 -4.59 7.77
C LEU A 2 0.70 -4.52 6.39
N GLY A 3 1.28 -5.16 5.41
CA GLY A 3 0.69 -5.13 4.04
C GLY A 3 1.23 -3.93 3.28
N LYS A 4 2.43 -3.51 3.59
CA LYS A 4 3.02 -2.34 2.88
C LYS A 4 3.96 -2.81 1.77
N ILE A 5 3.59 -3.86 1.08
CA ILE A 5 4.46 -4.38 -0.02
C ILE A 5 3.88 -4.00 -1.39
N ALA A 6 2.58 -3.96 -1.49
CA ALA A 6 1.95 -3.61 -2.79
C ALA A 6 0.96 -2.46 -2.62
N GLU A 7 0.68 -2.09 -1.39
CA GLU A 7 -0.28 -0.98 -1.16
C GLU A 7 0.33 0.36 -1.60
N GLY A 8 1.62 0.38 -1.84
CA GLY A 8 2.27 1.65 -2.27
C GLY A 8 1.41 2.33 -3.33
N ILE A 9 0.62 1.59 -4.06
CA ILE A 9 -0.24 2.21 -5.10
C ILE A 9 -1.60 1.50 -5.16
N LYS A 10 -1.61 0.21 -4.99
CA LYS A 10 -2.90 -0.54 -5.04
C LYS A 10 -3.98 0.22 -4.26
N SER A 11 -3.69 0.60 -3.05
CA SER A 11 -4.69 1.34 -2.24
C SER A 11 -4.96 2.72 -2.85
N LEU A 12 -3.91 3.47 -3.08
CA LEU A 12 -4.10 4.83 -3.66
C LEU A 12 -2.73 5.50 -3.87
N PHE A 13 -2.73 6.76 -4.21
CA PHE A 13 -1.43 7.46 -4.42
C PHE A 13 -0.76 7.76 -3.08
N ILE A 1 7.83 -7.88 7.42
CA ILE A 1 7.28 -6.82 8.31
C ILE A 1 6.74 -5.66 7.48
N LEU A 2 7.51 -5.18 6.54
CA LEU A 2 7.03 -4.05 5.70
C LEU A 2 6.51 -2.91 6.58
N GLY A 3 5.60 -2.12 6.08
CA GLY A 3 5.05 -1.00 6.89
C GLY A 3 3.76 -0.50 6.26
N LYS A 4 3.07 -1.34 5.53
CA LYS A 4 1.79 -0.91 4.90
C LYS A 4 2.01 0.37 4.09
N ILE A 5 2.65 0.26 2.96
CA ILE A 5 2.89 1.47 2.12
C ILE A 5 2.39 1.24 0.69
N ALA A 6 2.47 0.03 0.22
CA ALA A 6 1.99 -0.26 -1.16
C ALA A 6 1.15 -1.54 -1.17
N GLU A 7 0.74 -2.00 -0.03
CA GLU A 7 -0.10 -3.24 0.03
C GLU A 7 -1.28 -3.12 -0.93
N GLY A 8 -1.69 -1.92 -1.25
CA GLY A 8 -2.83 -1.74 -2.17
C GLY A 8 -3.33 -0.29 -2.11
N ILE A 9 -2.88 0.53 -3.01
CA ILE A 9 -3.31 1.95 -3.00
C ILE A 9 -2.74 2.69 -4.21
N LYS A 10 -1.50 2.44 -4.52
CA LYS A 10 -0.87 3.12 -5.69
C LYS A 10 -1.80 3.07 -6.90
N SER A 11 -2.47 1.97 -7.09
CA SER A 11 -3.41 1.86 -8.25
C SER A 11 -4.68 2.67 -7.99
N LEU A 12 -5.41 2.33 -6.97
CA LEU A 12 -6.65 3.09 -6.65
C LEU A 12 -7.32 2.50 -5.40
N PHE A 13 -6.62 2.47 -4.30
CA PHE A 13 -7.21 1.93 -3.05
C PHE A 13 -7.65 0.47 -3.27
N ILE A 1 -3.86 7.56 -6.22
CA ILE A 1 -4.09 6.25 -5.55
C ILE A 1 -3.26 6.17 -4.26
N LEU A 2 -3.85 5.67 -3.20
CA LEU A 2 -3.08 5.55 -1.93
C LEU A 2 -2.09 4.40 -2.00
N GLY A 3 -2.34 3.43 -2.83
CA GLY A 3 -1.41 2.27 -2.95
C GLY A 3 -1.81 1.19 -1.95
N LYS A 4 -3.05 0.80 -1.96
CA LYS A 4 -3.51 -0.26 -1.01
C LYS A 4 -4.48 -1.22 -1.72
N ILE A 5 -4.04 -1.82 -2.79
CA ILE A 5 -4.93 -2.76 -3.52
C ILE A 5 -4.48 -4.21 -3.30
N ALA A 6 -3.20 -4.41 -3.13
CA ALA A 6 -2.68 -5.79 -2.91
C ALA A 6 -2.51 -6.06 -1.41
N GLU A 7 -2.23 -5.04 -0.64
CA GLU A 7 -2.05 -5.24 0.82
C GLU A 7 -1.61 -3.92 1.47
N GLY A 8 -0.91 -3.10 0.75
CA GLY A 8 -0.45 -1.80 1.32
C GLY A 8 0.90 -2.00 2.02
N ILE A 9 1.96 -2.05 1.26
CA ILE A 9 3.31 -2.24 1.86
C ILE A 9 4.28 -1.20 1.29
N LYS A 10 4.23 -0.99 0.01
CA LYS A 10 5.15 0.01 -0.61
C LYS A 10 4.95 1.39 0.02
N SER A 11 3.72 1.75 0.28
CA SER A 11 3.45 3.08 0.89
C SER A 11 3.64 3.01 2.41
N LEU A 12 3.38 1.87 3.00
CA LEU A 12 3.55 1.73 4.46
C LEU A 12 5.03 1.55 4.82
N PHE A 13 5.55 0.39 4.57
CA PHE A 13 6.99 0.13 4.88
C PHE A 13 7.89 0.73 3.80
N ILE A 1 8.98 -3.03 2.89
CA ILE A 1 7.52 -3.37 2.82
C ILE A 1 6.97 -3.60 4.23
N LEU A 2 6.67 -2.54 4.94
CA LEU A 2 6.13 -2.71 6.32
C LEU A 2 4.88 -3.60 6.30
N GLY A 3 3.72 -3.01 6.11
CA GLY A 3 2.48 -3.83 6.08
C GLY A 3 1.43 -3.13 5.20
N LYS A 4 0.83 -2.09 5.71
CA LYS A 4 -0.19 -1.36 4.89
C LYS A 4 -0.18 0.13 5.24
N ILE A 5 0.69 0.88 4.60
CA ILE A 5 0.74 2.35 4.88
C ILE A 5 -0.02 3.13 3.81
N ALA A 6 -0.04 2.63 2.61
CA ALA A 6 -0.77 3.33 1.52
C ALA A 6 -1.71 2.36 0.80
N GLU A 7 -2.08 1.29 1.44
CA GLU A 7 -3.00 0.30 0.79
C GLU A 7 -4.13 1.03 0.06
N GLY A 8 -4.45 2.22 0.50
CA GLY A 8 -5.54 2.98 -0.18
C GLY A 8 -5.38 2.86 -1.70
N ILE A 9 -4.18 2.73 -2.16
CA ILE A 9 -3.94 2.61 -3.63
C ILE A 9 -2.57 1.99 -3.91
N LYS A 10 -1.59 2.30 -3.11
CA LYS A 10 -0.23 1.73 -3.33
C LYS A 10 -0.31 0.21 -3.40
N SER A 11 -1.32 -0.37 -2.83
CA SER A 11 -1.45 -1.86 -2.86
C SER A 11 -2.08 -2.31 -4.18
N LEU A 12 -2.51 -1.38 -4.99
CA LEU A 12 -3.15 -1.75 -6.29
C LEU A 12 -2.56 -0.91 -7.42
N PHE A 13 -2.54 0.38 -7.25
CA PHE A 13 -1.98 1.26 -8.32
C PHE A 13 -0.79 2.05 -7.78
N ILE A 1 1.99 4.04 -5.15
CA ILE A 1 1.59 3.58 -6.51
C ILE A 1 0.97 2.18 -6.41
N LEU A 2 -0.23 2.01 -6.93
CA LEU A 2 -0.90 0.68 -6.87
C LEU A 2 -1.32 0.36 -5.44
N GLY A 3 -2.61 0.37 -5.18
CA GLY A 3 -3.09 0.07 -3.80
C GLY A 3 -2.87 1.29 -2.91
N LYS A 4 -3.27 2.43 -3.36
CA LYS A 4 -3.09 3.67 -2.53
C LYS A 4 -4.01 3.63 -1.31
N ILE A 5 -4.93 2.70 -1.28
CA ILE A 5 -5.86 2.62 -0.12
C ILE A 5 -5.12 2.13 1.12
N ALA A 6 -4.13 1.30 0.94
CA ALA A 6 -3.37 0.78 2.10
C ALA A 6 -1.86 0.92 1.85
N GLU A 7 -1.48 1.76 0.94
CA GLU A 7 -0.03 1.95 0.65
C GLU A 7 0.76 2.11 1.96
N GLY A 8 0.10 2.52 3.01
CA GLY A 8 0.82 2.70 4.31
C GLY A 8 1.66 1.45 4.60
N ILE A 9 1.09 0.48 5.24
CA ILE A 9 1.85 -0.76 5.56
C ILE A 9 0.98 -2.00 5.36
N LYS A 10 -0.28 -1.90 5.67
CA LYS A 10 -1.19 -3.07 5.50
C LYS A 10 -0.97 -3.72 4.13
N SER A 11 -0.88 -2.92 3.10
CA SER A 11 -0.67 -3.49 1.74
C SER A 11 0.66 -4.25 1.68
N LEU A 12 1.69 -3.68 2.23
CA LEU A 12 3.02 -4.37 2.21
C LEU A 12 4.10 -3.46 2.82
N PHE A 13 5.29 -3.53 2.31
CA PHE A 13 6.38 -2.67 2.87
C PHE A 13 6.60 -1.44 1.97
N ILE A 1 7.22 -3.24 10.71
CA ILE A 1 8.59 -3.11 10.13
C ILE A 1 8.50 -2.89 8.63
N LEU A 2 7.39 -2.43 8.14
CA LEU A 2 7.25 -2.20 6.68
C LEU A 2 6.08 -1.24 6.40
N GLY A 3 5.55 -1.26 5.21
CA GLY A 3 4.41 -0.35 4.88
C GLY A 3 3.93 -0.62 3.46
N LYS A 4 3.94 -1.86 3.06
CA LYS A 4 3.48 -2.19 1.68
C LYS A 4 1.98 -1.93 1.53
N ILE A 5 1.32 -1.61 2.62
CA ILE A 5 -0.15 -1.35 2.54
C ILE A 5 -0.43 -0.23 1.54
N ALA A 6 0.33 0.82 1.59
CA ALA A 6 0.10 1.96 0.64
C ALA A 6 0.05 1.44 -0.81
N GLU A 7 0.91 0.52 -1.14
CA GLU A 7 0.93 -0.03 -2.53
C GLU A 7 -0.34 -0.85 -2.77
N GLY A 8 -1.04 -1.20 -1.73
CA GLY A 8 -2.27 -2.01 -1.89
C GLY A 8 -3.38 -1.16 -2.53
N ILE A 9 -3.41 0.11 -2.20
CA ILE A 9 -4.47 0.99 -2.79
C ILE A 9 -3.88 2.38 -3.10
N LYS A 10 -3.08 2.90 -2.21
CA LYS A 10 -2.49 4.24 -2.45
C LYS A 10 -1.82 4.29 -3.84
N SER A 11 -1.40 3.16 -4.33
CA SER A 11 -0.75 3.14 -5.67
C SER A 11 -1.78 3.39 -6.77
N LEU A 12 -3.04 3.28 -6.45
CA LEU A 12 -4.10 3.53 -7.47
C LEU A 12 -5.29 4.26 -6.84
N PHE A 13 -6.21 3.53 -6.28
CA PHE A 13 -7.39 4.19 -5.65
C PHE A 13 -6.95 5.01 -4.42
N ILE A 1 -0.69 0.74 -8.36
CA ILE A 1 -2.09 0.29 -8.56
C ILE A 1 -2.95 0.64 -7.34
N LEU A 2 -2.98 -0.23 -6.36
CA LEU A 2 -3.79 0.05 -5.15
C LEU A 2 -2.91 0.01 -3.90
N GLY A 3 -3.23 0.80 -2.91
CA GLY A 3 -2.41 0.80 -1.66
C GLY A 3 -1.40 1.95 -1.72
N LYS A 4 -1.24 2.55 -2.87
CA LYS A 4 -0.26 3.68 -2.99
C LYS A 4 -0.44 4.64 -1.83
N ILE A 5 -1.62 4.74 -1.30
CA ILE A 5 -1.86 5.67 -0.16
C ILE A 5 -1.26 5.09 1.13
N ALA A 6 -1.27 3.80 1.26
CA ALA A 6 -0.71 3.17 2.49
C ALA A 6 0.58 2.40 2.15
N GLU A 7 1.21 2.74 1.05
CA GLU A 7 2.46 2.03 0.66
C GLU A 7 3.36 1.82 1.88
N GLY A 8 3.23 2.67 2.87
CA GLY A 8 4.08 2.53 4.09
C GLY A 8 4.14 1.06 4.50
N ILE A 9 3.02 0.48 4.81
CA ILE A 9 3.00 -0.96 5.22
C ILE A 9 1.61 -1.55 5.01
N LYS A 10 0.58 -0.78 5.25
CA LYS A 10 -0.80 -1.30 5.06
C LYS A 10 -0.92 -2.00 3.71
N SER A 11 -0.32 -1.45 2.69
CA SER A 11 -0.39 -2.08 1.34
C SER A 11 0.45 -3.35 1.30
N LEU A 12 1.25 -3.58 2.32
CA LEU A 12 2.10 -4.80 2.34
C LEU A 12 3.02 -4.82 1.11
N PHE A 13 3.76 -5.88 0.94
CA PHE A 13 4.68 -5.96 -0.23
C PHE A 13 3.89 -6.25 -1.51
#